data_7XPY
#
_entry.id   7XPY
#
_cell.length_a   78.005
_cell.length_b   80.170
_cell.length_c   150.857
_cell.angle_alpha   90.000
_cell.angle_beta   90.000
_cell.angle_gamma   90.000
#
_symmetry.space_group_name_H-M   'P 21 21 21'
#
loop_
_entity.id
_entity.type
_entity.pdbx_description
1 polymer 'Ubiquitin carboxyl-terminal hydrolase 7'
2 non-polymer '[(3S,3aR,4R,6Z,9S,10E,11aR)-9-acetyloxy-6-(acetyloxymethyl)-3,10-dimethyl-2-oxidanylidene-3a,4,5,8,9,11a-hexahydro-3H-cyclodeca[b]furan-4-yl] (E)-2-methyl-4-oxidanyl-but-2-enoate'
3 water water
#
_entity_poly.entity_id   1
_entity_poly.type   'polypeptide(L)'
_entity_poly.pdbx_seq_one_letter_code
;GPLGSEAHLYMQVQIVAEDQFCGHQGNDMYDEEKVKYTVFKVLKNSSLAEFVQSLSQTMGFPQDQIRLWPMQARSNGTKR
PAMLDNEADGNKTMIELSDNENPWTIFLETVDPELAASGATLPKFDKDHDVMLFLKMYDPKTRSLNYCGHIYTPISCKIR
DLLPVMCDRAGFIQDTSLILYEEVKPNLTERIQDYDVSLDKALDELMDGDIIVFQKDDPENDNSELPTAKEYFRDLYHRV
DVIFCDKTIPNDPGFVVTLSNRMNYFQVAKTVAQRLNTDPMLLQFFKSQGYRDGPGNPLRHNYEGTLRDLLQFFKPRQPK
KLYYQQLKMKITDFENRRSFKCIWLNSQFREEEITLYPDKHGCVRDLLEECKKAVELGEKASGKLRLLEIVSYKIIGVHQ
EDELLECLSPATSRTFRIEEIPLDQVDIDKENEMLVTVAHFHKEVFGTFGIPFLLRIHQGEHFREVMKRIQSLLDIQEKE
FEKFKFAIVMMGRHQYINEDEYEVNLKDFEPQPGNMSHPRPWLGLDHFNKAPKRSRYTYLEKAIKIHN
;
_entity_poly.pdbx_strand_id   A
#
loop_
_chem_comp.id
_chem_comp.type
_chem_comp.name
_chem_comp.formula
EIB non-polymer '[(3S,3aR,4R,6Z,9S,10E,11aR)-9-acetyloxy-6-(acetyloxymethyl)-3,10-dimethyl-2-oxidanylidene-3a,4,5,8,9,11a-hexahydro-3H-cyclodeca[b]furan-4-yl] (E)-2-methyl-4-oxidanyl-but-2-enoate' 'C24 H32 O9'
#
# COMPACT_ATOMS: atom_id res chain seq x y z
N GLY A 1 40.43 20.55 -22.24
CA GLY A 1 41.84 20.62 -22.58
C GLY A 1 42.16 21.73 -23.54
N PRO A 2 43.39 21.72 -24.09
CA PRO A 2 43.78 22.76 -25.05
C PRO A 2 42.87 22.78 -26.27
N LEU A 3 42.16 23.90 -26.45
CA LEU A 3 41.39 24.10 -27.65
C LEU A 3 42.30 24.53 -28.79
N GLY A 4 42.05 24.02 -29.98
CA GLY A 4 42.76 24.45 -31.15
C GLY A 4 42.51 25.91 -31.45
N SER A 5 43.37 26.48 -32.31
CA SER A 5 43.26 27.88 -32.67
C SER A 5 41.95 28.17 -33.40
N GLU A 6 41.49 27.20 -34.21
CA GLU A 6 40.30 27.39 -35.05
C GLU A 6 39.12 26.55 -34.58
N ALA A 7 39.12 26.14 -33.31
CA ALA A 7 38.02 25.31 -32.82
C ALA A 7 36.68 26.06 -32.86
N HIS A 8 36.72 27.38 -32.64
CA HIS A 8 35.49 28.17 -32.63
C HIS A 8 34.82 28.22 -34.00
N LEU A 9 35.54 27.88 -35.06
CA LEU A 9 34.94 27.84 -36.39
C LEU A 9 34.13 26.56 -36.64
N TYR A 10 34.30 25.54 -35.80
CA TYR A 10 33.65 24.26 -36.01
C TYR A 10 32.44 24.12 -35.10
N MET A 11 31.54 23.20 -35.49
CA MET A 11 30.34 22.88 -34.74
C MET A 11 30.10 21.38 -34.84
N GLN A 12 29.32 20.88 -33.89
CA GLN A 12 28.99 19.46 -33.81
C GLN A 12 27.65 19.18 -34.48
N VAL A 13 27.63 18.14 -35.29
CA VAL A 13 26.44 17.70 -36.02
C VAL A 13 26.20 16.24 -35.66
N GLN A 14 25.11 15.97 -34.96
CA GLN A 14 24.75 14.62 -34.53
C GLN A 14 23.66 14.08 -35.43
N ILE A 15 23.96 13.02 -36.17
CA ILE A 15 23.03 12.39 -37.09
C ILE A 15 22.43 11.17 -36.40
N VAL A 16 21.10 11.09 -36.39
CA VAL A 16 20.38 9.97 -35.80
C VAL A 16 19.64 9.23 -36.90
N ALA A 17 19.83 7.92 -36.96
CA ALA A 17 19.14 7.07 -37.92
C ALA A 17 17.88 6.49 -37.29
N GLU A 18 16.94 6.09 -38.16
CA GLU A 18 15.62 5.70 -37.69
C GLU A 18 15.64 4.46 -36.80
N ASP A 19 16.68 3.62 -36.91
CA ASP A 19 16.79 2.46 -36.03
C ASP A 19 16.86 2.87 -34.56
N GLN A 20 17.30 4.10 -34.28
CA GLN A 20 17.33 4.58 -32.90
C GLN A 20 15.94 4.84 -32.34
N PHE A 21 14.93 4.92 -33.20
CA PHE A 21 13.56 5.14 -32.75
C PHE A 21 12.86 3.86 -32.32
N CYS A 22 13.39 2.72 -32.78
CA CYS A 22 12.79 1.39 -32.44
C CYS A 22 13.02 1.09 -30.95
N GLY A 23 11.97 0.65 -30.26
CA GLY A 23 12.05 0.31 -28.86
C GLY A 23 11.75 1.43 -27.89
N HIS A 24 11.88 2.69 -28.31
CA HIS A 24 11.63 3.82 -27.43
C HIS A 24 10.22 3.75 -26.84
N GLN A 25 10.14 3.81 -25.51
CA GLN A 25 8.87 3.69 -24.81
C GLN A 25 8.34 5.02 -24.30
N GLY A 26 9.12 6.10 -24.40
CA GLY A 26 8.74 7.39 -23.88
C GLY A 26 8.13 8.28 -24.95
N ASN A 27 8.11 9.58 -24.66
CA ASN A 27 7.61 10.53 -25.63
C ASN A 27 8.72 10.93 -26.60
N ASP A 28 8.32 11.54 -27.71
CA ASP A 28 9.19 11.94 -28.81
C ASP A 28 9.74 10.68 -29.49
N MET A 29 10.88 10.80 -30.17
CA MET A 29 11.45 9.71 -30.95
C MET A 29 12.53 8.93 -30.21
N TYR A 30 13.18 9.53 -29.23
CA TYR A 30 14.25 8.86 -28.50
C TYR A 30 14.49 9.57 -27.18
N ASP A 31 15.25 8.91 -26.32
CA ASP A 31 15.74 9.47 -25.07
C ASP A 31 17.13 10.00 -25.31
N GLU A 32 17.33 11.29 -25.00
CA GLU A 32 18.61 11.94 -25.30
C GLU A 32 19.78 11.25 -24.64
N GLU A 33 19.55 10.50 -23.56
CA GLU A 33 20.63 9.82 -22.85
C GLU A 33 20.90 8.41 -23.37
N LYS A 34 19.99 7.85 -24.16
CA LYS A 34 20.17 6.51 -24.72
C LYS A 34 20.50 6.51 -26.21
N VAL A 35 20.28 7.63 -26.90
CA VAL A 35 20.44 7.65 -28.35
C VAL A 35 21.92 7.58 -28.71
N LYS A 36 22.23 6.83 -29.76
CA LYS A 36 23.57 6.75 -30.32
C LYS A 36 23.60 7.49 -31.65
N TYR A 37 24.54 8.43 -31.77
CA TYR A 37 24.65 9.30 -32.93
C TYR A 37 25.84 8.91 -33.80
N THR A 38 25.80 9.39 -35.04
CA THR A 38 27.00 9.52 -35.86
C THR A 38 27.41 10.99 -35.82
N VAL A 39 28.61 11.27 -35.33
CA VAL A 39 29.03 12.62 -34.99
C VAL A 39 29.92 13.17 -36.09
N PHE A 40 29.67 14.42 -36.48
CA PHE A 40 30.45 15.11 -37.49
C PHE A 40 30.92 16.44 -36.93
N LYS A 41 32.18 16.75 -37.15
CA LYS A 41 32.77 18.04 -36.78
C LYS A 41 32.91 18.87 -38.05
N VAL A 42 32.00 19.83 -38.24
CA VAL A 42 31.96 20.51 -39.52
C VAL A 42 32.12 22.02 -39.32
N LEU A 43 32.69 22.68 -40.32
CA LEU A 43 32.87 24.13 -40.27
C LEU A 43 31.54 24.83 -40.16
N LYS A 44 31.48 25.86 -39.31
CA LYS A 44 30.21 26.55 -39.05
C LYS A 44 29.65 27.19 -40.31
N ASN A 45 30.50 27.56 -41.27
CA ASN A 45 30.08 28.23 -42.49
C ASN A 45 30.22 27.37 -43.75
N SER A 46 30.43 26.06 -43.60
CA SER A 46 30.19 25.18 -44.74
C SER A 46 28.70 25.19 -45.08
N SER A 47 28.38 24.89 -46.33
CA SER A 47 26.98 24.97 -46.74
C SER A 47 26.29 23.61 -46.57
N LEU A 48 24.97 23.62 -46.73
CA LEU A 48 24.19 22.40 -46.56
C LEU A 48 24.52 21.38 -47.63
N ALA A 49 24.69 21.82 -48.89
CA ALA A 49 24.96 20.89 -49.98
C ALA A 49 26.29 20.18 -49.79
N GLU A 50 27.31 20.88 -49.29
CA GLU A 50 28.58 20.24 -48.99
C GLU A 50 28.40 19.14 -47.96
N PHE A 51 27.69 19.45 -46.86
CA PHE A 51 27.43 18.43 -45.86
C PHE A 51 26.67 17.25 -46.43
N VAL A 52 25.75 17.52 -47.36
CA VAL A 52 24.91 16.44 -47.90
C VAL A 52 25.74 15.49 -48.76
N GLN A 53 26.52 16.03 -49.70
CA GLN A 53 27.35 15.14 -50.51
C GLN A 53 28.41 14.45 -49.65
N SER A 54 28.99 15.17 -48.68
CA SER A 54 29.95 14.57 -47.78
C SER A 54 29.34 13.40 -47.03
N LEU A 55 28.17 13.62 -46.42
CA LEU A 55 27.50 12.60 -45.63
C LEU A 55 27.04 11.43 -46.50
N SER A 56 26.57 11.71 -47.72
CA SER A 56 26.14 10.66 -48.62
C SER A 56 27.28 9.70 -48.91
N GLN A 57 28.48 10.24 -49.14
CA GLN A 57 29.62 9.35 -49.35
C GLN A 57 30.04 8.65 -48.05
N THR A 58 29.89 9.33 -46.91
CA THR A 58 30.30 8.71 -45.65
C THR A 58 29.41 7.53 -45.27
N MET A 59 28.10 7.66 -45.45
CA MET A 59 27.16 6.60 -45.06
C MET A 59 26.95 5.57 -46.15
N GLY A 60 27.41 5.81 -47.36
CA GLY A 60 27.28 4.83 -48.43
C GLY A 60 26.00 4.88 -49.23
N PHE A 61 25.14 5.88 -48.99
CA PHE A 61 23.92 6.04 -49.76
C PHE A 61 24.05 7.24 -50.70
N PRO A 62 23.60 7.11 -51.95
CA PRO A 62 23.56 8.27 -52.84
C PRO A 62 22.55 9.30 -52.33
N GLN A 63 22.71 10.53 -52.83
CA GLN A 63 21.81 11.61 -52.41
C GLN A 63 20.36 11.35 -52.78
N ASP A 64 20.11 10.45 -53.74
CA ASP A 64 18.75 10.08 -54.09
C ASP A 64 18.09 9.21 -53.04
N GLN A 65 18.84 8.70 -52.06
CA GLN A 65 18.32 7.72 -51.11
C GLN A 65 18.30 8.25 -49.68
N ILE A 66 18.55 9.54 -49.46
CA ILE A 66 18.60 10.10 -48.11
C ILE A 66 17.94 11.47 -48.09
N ARG A 67 17.41 11.83 -46.92
CA ARG A 67 16.84 13.14 -46.67
C ARG A 67 17.14 13.54 -45.22
N LEU A 68 17.35 14.83 -45.01
CA LEU A 68 17.72 15.38 -43.71
C LEU A 68 16.53 16.09 -43.09
N TRP A 69 16.18 15.72 -41.85
CA TRP A 69 15.11 16.37 -41.10
C TRP A 69 15.72 16.84 -39.78
N PRO A 70 16.08 18.12 -39.67
CA PRO A 70 16.63 18.63 -38.40
C PRO A 70 15.69 18.37 -37.24
N MET A 71 16.27 17.97 -36.10
CA MET A 71 15.54 17.85 -34.85
C MET A 71 15.41 19.25 -34.26
N GLN A 72 14.21 19.82 -34.33
CA GLN A 72 13.95 21.15 -33.84
C GLN A 72 13.10 21.08 -32.58
N ALA A 73 13.43 21.92 -31.61
CA ALA A 73 12.63 22.04 -30.39
C ALA A 73 11.41 22.89 -30.66
N ARG A 74 10.27 22.44 -30.13
CA ARG A 74 9.02 23.18 -30.27
C ARG A 74 8.74 24.00 -29.02
N SER A 75 7.81 24.95 -29.15
CA SER A 75 7.50 25.84 -28.05
C SER A 75 6.92 25.07 -26.86
N ASN A 76 6.30 23.93 -27.09
CA ASN A 76 5.67 23.17 -26.02
C ASN A 76 6.64 22.26 -25.27
N GLY A 77 7.93 22.32 -25.58
CA GLY A 77 8.93 21.57 -24.86
C GLY A 77 9.37 20.27 -25.50
N THR A 78 8.78 19.89 -26.63
CA THR A 78 9.17 18.67 -27.32
C THR A 78 10.25 18.96 -28.37
N LYS A 79 10.87 17.90 -28.86
CA LYS A 79 11.82 17.98 -29.95
C LYS A 79 11.38 17.01 -31.03
N ARG A 80 11.20 17.52 -32.25
CA ARG A 80 10.64 16.72 -33.33
C ARG A 80 11.40 16.99 -34.62
N PRO A 81 11.42 16.04 -35.55
CA PRO A 81 12.02 16.30 -36.86
C PRO A 81 11.26 17.40 -37.59
N ALA A 82 12.00 18.15 -38.39
CA ALA A 82 11.43 19.29 -39.11
C ALA A 82 11.88 19.28 -40.57
N MET A 83 11.13 20.00 -41.38
CA MET A 83 11.40 20.10 -42.81
C MET A 83 12.68 20.89 -43.07
N LEU A 84 13.42 20.46 -44.09
CA LEU A 84 14.54 21.24 -44.62
C LEU A 84 14.62 21.07 -46.13
N ASP A 85 14.53 22.18 -46.83
CA ASP A 85 14.43 22.23 -48.28
C ASP A 85 15.83 22.23 -48.88
N ASN A 86 16.09 21.29 -49.79
CA ASN A 86 17.43 21.15 -50.34
C ASN A 86 17.77 22.29 -51.29
N GLU A 87 16.96 22.50 -52.32
CA GLU A 87 17.20 23.52 -53.34
C GLU A 87 16.56 24.86 -52.99
N ALA A 88 16.50 25.19 -51.69
CA ALA A 88 16.20 26.55 -51.25
C ALA A 88 17.05 27.01 -50.07
N ASP A 89 17.68 26.09 -49.34
CA ASP A 89 18.58 26.43 -48.26
C ASP A 89 19.92 25.71 -48.38
N GLY A 90 20.14 24.97 -49.46
CA GLY A 90 21.36 24.22 -49.66
C GLY A 90 22.62 25.06 -49.71
N ASN A 91 22.48 26.39 -49.77
CA ASN A 91 23.62 27.28 -49.74
C ASN A 91 23.60 28.22 -48.52
N LYS A 92 22.62 28.08 -47.64
CA LYS A 92 22.72 28.71 -46.33
C LYS A 92 23.77 27.98 -45.49
N THR A 93 24.37 28.70 -44.56
CA THR A 93 25.43 28.10 -43.75
C THR A 93 24.85 27.08 -42.78
N MET A 94 25.70 26.12 -42.39
CA MET A 94 25.26 25.09 -41.45
C MET A 94 24.82 25.72 -40.13
N ILE A 95 25.55 26.72 -39.65
CA ILE A 95 25.21 27.33 -38.37
C ILE A 95 24.00 28.25 -38.47
N GLU A 96 23.68 28.80 -39.65
CA GLU A 96 22.48 29.62 -39.75
C GLU A 96 21.23 28.75 -39.88
N LEU A 97 21.34 27.60 -40.55
CA LEU A 97 20.29 26.60 -40.46
C LEU A 97 20.16 26.10 -39.02
N SER A 98 21.29 25.98 -38.32
CA SER A 98 21.29 25.48 -36.95
C SER A 98 20.55 26.41 -35.99
N ASP A 99 20.36 27.68 -36.34
CA ASP A 99 19.88 28.70 -35.42
C ASP A 99 20.77 28.77 -34.18
N ASN A 100 22.06 28.47 -34.38
CA ASN A 100 23.15 28.55 -33.40
C ASN A 100 23.06 27.47 -32.31
N GLU A 101 22.13 26.53 -32.41
CA GLU A 101 22.22 25.30 -31.63
C GLU A 101 23.55 24.62 -31.92
N ASN A 102 24.41 24.51 -30.91
CA ASN A 102 25.78 24.11 -31.24
C ASN A 102 25.89 22.60 -31.44
N PRO A 103 25.51 21.74 -30.46
CA PRO A 103 25.25 20.35 -30.84
C PRO A 103 23.96 20.28 -31.63
N TRP A 104 24.03 20.23 -32.96
CA TRP A 104 22.84 20.27 -33.80
C TRP A 104 22.49 18.86 -34.24
N THR A 105 21.28 18.42 -33.92
CA THR A 105 20.85 17.06 -34.20
C THR A 105 19.92 17.03 -35.42
N ILE A 106 20.16 16.05 -36.29
CA ILE A 106 19.42 15.87 -37.53
C ILE A 106 19.06 14.39 -37.68
N PHE A 107 17.80 14.12 -37.99
CA PHE A 107 17.34 12.77 -38.31
C PHE A 107 17.59 12.50 -39.79
N LEU A 108 18.29 11.41 -40.09
CA LEU A 108 18.63 11.05 -41.46
C LEU A 108 17.70 9.94 -41.91
N GLU A 109 16.71 10.29 -42.73
CA GLU A 109 15.88 9.28 -43.37
C GLU A 109 16.64 8.68 -44.55
N THR A 110 16.73 7.35 -44.58
CA THR A 110 17.36 6.64 -45.68
C THR A 110 16.41 5.59 -46.22
N VAL A 111 16.70 5.10 -47.40
CA VAL A 111 15.95 3.90 -47.87
C VAL A 111 16.50 2.71 -47.08
N ASP A 112 15.72 1.63 -47.00
CA ASP A 112 16.28 0.49 -46.24
C ASP A 112 17.53 0.03 -46.99
N PRO A 113 18.71 -0.01 -46.34
CA PRO A 113 19.91 -0.49 -46.96
C PRO A 113 19.62 -1.91 -47.44
N GLU A 114 18.42 -2.43 -47.21
CA GLU A 114 18.12 -3.77 -47.77
C GLU A 114 18.17 -3.61 -49.28
N LEU A 115 17.54 -2.57 -49.82
CA LEU A 115 17.68 -2.22 -51.25
C LEU A 115 19.00 -1.43 -51.36
N ALA A 116 19.69 -1.53 -52.50
CA ALA A 116 20.95 -0.79 -52.72
C ALA A 116 21.88 -0.97 -51.52
N GLY A 119 18.29 0.19 -56.00
CA GLY A 119 17.09 0.54 -55.23
C GLY A 119 16.38 1.80 -55.66
N ALA A 120 15.06 1.75 -55.55
CA ALA A 120 14.19 2.91 -55.79
C ALA A 120 14.54 3.94 -54.72
N THR A 121 14.57 5.22 -55.08
CA THR A 121 14.93 6.31 -54.17
C THR A 121 13.79 6.70 -53.22
N LEU A 122 14.10 7.54 -52.24
CA LEU A 122 13.03 8.04 -51.36
C LEU A 122 11.97 8.72 -52.20
N PRO A 123 10.67 8.51 -51.93
CA PRO A 123 9.61 9.20 -52.67
C PRO A 123 9.81 10.71 -52.58
N LYS A 124 9.49 11.41 -53.66
CA LYS A 124 9.55 12.85 -53.60
C LYS A 124 8.56 13.35 -52.55
N PHE A 125 8.69 14.63 -52.22
CA PHE A 125 7.98 15.18 -51.06
C PHE A 125 7.71 16.64 -51.35
N ASP A 126 6.47 17.00 -51.62
CA ASP A 126 6.13 18.38 -51.90
C ASP A 126 6.15 19.15 -50.59
N LYS A 127 7.11 20.08 -50.47
CA LYS A 127 7.28 20.87 -49.26
C LYS A 127 5.99 21.52 -48.78
N ASP A 128 4.99 21.67 -49.65
CA ASP A 128 3.83 22.49 -49.37
C ASP A 128 2.55 21.72 -49.10
N HIS A 129 2.32 20.58 -49.77
CA HIS A 129 1.09 19.81 -49.59
C HIS A 129 1.30 18.46 -48.93
N ASP A 130 2.52 18.12 -48.54
CA ASP A 130 2.80 16.86 -47.90
C ASP A 130 3.28 17.07 -46.47
N VAL A 131 3.00 16.09 -45.62
CA VAL A 131 3.47 16.07 -44.24
C VAL A 131 4.06 14.69 -43.98
N MET A 132 5.18 14.65 -43.26
CA MET A 132 5.72 13.39 -42.76
C MET A 132 5.22 13.19 -41.34
N LEU A 133 4.46 12.11 -41.14
CA LEU A 133 3.90 11.78 -39.85
C LEU A 133 4.62 10.57 -39.28
N PHE A 134 4.73 10.54 -37.96
CA PHE A 134 5.33 9.41 -37.26
C PHE A 134 4.24 8.62 -36.55
N LEU A 135 4.38 7.30 -36.57
CA LEU A 135 3.34 6.39 -36.10
C LEU A 135 3.90 5.55 -34.97
N LYS A 136 3.12 5.42 -33.90
CA LYS A 136 3.42 4.49 -32.82
C LYS A 136 2.18 3.66 -32.55
N MET A 137 2.35 2.37 -32.32
CA MET A 137 1.26 1.51 -31.91
C MET A 137 1.36 1.26 -30.41
N TYR A 138 0.23 1.27 -29.74
CA TYR A 138 0.20 1.01 -28.30
C TYR A 138 -0.47 -0.33 -28.05
N ASP A 139 0.25 -1.23 -27.38
CA ASP A 139 -0.31 -2.52 -27.01
C ASP A 139 -0.67 -2.49 -25.54
N PRO A 140 -1.95 -2.51 -25.18
CA PRO A 140 -2.32 -2.41 -23.76
C PRO A 140 -2.03 -3.67 -22.97
N LYS A 141 -2.02 -4.86 -23.60
CA LYS A 141 -1.77 -6.08 -22.85
C LYS A 141 -0.36 -6.09 -22.27
N THR A 142 0.64 -5.79 -23.09
CA THR A 142 2.01 -5.65 -22.62
C THR A 142 2.34 -4.23 -22.17
N ARG A 143 1.38 -3.31 -22.27
CA ARG A 143 1.56 -1.91 -21.87
C ARG A 143 2.80 -1.32 -22.51
N SER A 144 2.93 -1.49 -23.83
CA SER A 144 4.17 -1.10 -24.49
C SER A 144 3.89 -0.27 -25.74
N LEU A 145 4.90 0.49 -26.14
CA LEU A 145 4.91 1.25 -27.38
C LEU A 145 5.73 0.49 -28.41
N ASN A 146 5.24 0.49 -29.65
CA ASN A 146 5.88 -0.19 -30.77
C ASN A 146 6.05 0.82 -31.89
N TYR A 147 7.30 1.19 -32.18
CA TYR A 147 7.56 2.14 -33.25
C TYR A 147 7.13 1.54 -34.58
N CYS A 148 6.31 2.30 -35.32
CA CYS A 148 5.75 1.83 -36.58
C CYS A 148 6.20 2.67 -37.76
N GLY A 149 7.33 3.37 -37.64
CA GLY A 149 7.87 4.10 -38.76
C GLY A 149 7.16 5.42 -39.04
N HIS A 150 7.41 5.93 -40.24
CA HIS A 150 6.87 7.21 -40.68
C HIS A 150 6.18 7.04 -42.03
N ILE A 151 5.36 8.05 -42.37
CA ILE A 151 4.64 8.06 -43.64
C ILE A 151 4.72 9.45 -44.25
N TYR A 152 4.81 9.50 -45.57
CA TYR A 152 4.53 10.70 -46.34
C TYR A 152 3.05 10.69 -46.68
N THR A 153 2.35 11.78 -46.38
CA THR A 153 0.93 11.80 -46.69
C THR A 153 0.49 13.21 -47.01
N PRO A 154 -0.45 13.38 -47.94
CA PRO A 154 -0.94 14.72 -48.26
C PRO A 154 -1.75 15.30 -47.11
N ILE A 155 -1.63 16.62 -46.94
CA ILE A 155 -2.40 17.34 -45.94
C ILE A 155 -3.89 17.03 -46.08
N SER A 156 -4.36 16.89 -47.32
CA SER A 156 -5.77 16.69 -47.62
C SER A 156 -6.25 15.26 -47.42
N CYS A 157 -5.35 14.30 -47.25
CA CYS A 157 -5.75 12.92 -47.03
C CYS A 157 -6.62 12.82 -45.78
N LYS A 158 -7.63 11.96 -45.84
CA LYS A 158 -8.51 11.74 -44.70
C LYS A 158 -7.88 10.75 -43.73
N ILE A 159 -8.19 10.93 -42.44
CA ILE A 159 -7.62 10.07 -41.40
C ILE A 159 -7.95 8.61 -41.66
N ARG A 160 -9.16 8.37 -42.16
CA ARG A 160 -9.66 7.00 -42.38
C ARG A 160 -8.72 6.27 -43.36
N ASP A 161 -8.17 7.00 -44.33
CA ASP A 161 -7.31 6.40 -45.34
C ASP A 161 -5.96 5.94 -44.77
N LEU A 162 -5.56 6.44 -43.60
CA LEU A 162 -4.35 5.97 -42.96
C LEU A 162 -4.56 4.69 -42.16
N LEU A 163 -5.82 4.29 -41.96
CA LEU A 163 -6.07 3.08 -41.16
C LEU A 163 -5.47 1.81 -41.74
N PRO A 164 -5.49 1.57 -43.06
CA PRO A 164 -4.81 0.36 -43.58
C PRO A 164 -3.35 0.27 -43.18
N VAL A 165 -2.54 1.27 -43.56
CA VAL A 165 -1.10 1.18 -43.32
C VAL A 165 -0.81 0.94 -41.85
N MET A 166 -1.48 1.68 -40.95
CA MET A 166 -1.35 1.43 -39.52
C MET A 166 -1.50 -0.05 -39.22
N CYS A 167 -2.65 -0.62 -39.57
CA CYS A 167 -2.87 -2.05 -39.38
C CYS A 167 -1.74 -2.86 -40.00
N ASP A 168 -1.38 -2.54 -41.25
CA ASP A 168 -0.31 -3.27 -41.92
C ASP A 168 0.97 -3.23 -41.11
N ARG A 169 1.31 -2.08 -40.55
CA ARG A 169 2.57 -1.99 -39.82
C ARG A 169 2.50 -2.61 -38.44
N ALA A 170 1.31 -2.88 -37.92
CA ALA A 170 1.17 -3.43 -36.59
C ALA A 170 0.88 -4.93 -36.58
N GLY A 171 0.75 -5.55 -37.75
CA GLY A 171 0.37 -6.94 -37.80
C GLY A 171 -1.08 -7.20 -37.49
N PHE A 172 -1.91 -6.16 -37.51
CA PHE A 172 -3.33 -6.32 -37.32
C PHE A 172 -4.00 -6.76 -38.62
N ILE A 173 -5.06 -7.55 -38.50
CA ILE A 173 -5.87 -7.87 -39.67
C ILE A 173 -6.56 -6.61 -40.17
N GLN A 174 -6.65 -6.46 -41.48
CA GLN A 174 -7.35 -5.32 -42.05
C GLN A 174 -8.79 -5.28 -41.56
N ASP A 175 -9.33 -4.07 -41.48
CA ASP A 175 -10.66 -3.75 -40.96
C ASP A 175 -10.74 -3.89 -39.44
N THR A 176 -9.62 -4.04 -38.76
CA THR A 176 -9.61 -3.91 -37.30
C THR A 176 -9.91 -2.46 -36.93
N SER A 177 -10.89 -2.26 -36.05
CA SER A 177 -11.25 -0.92 -35.64
C SER A 177 -10.18 -0.37 -34.70
N LEU A 178 -9.82 0.90 -34.89
CA LEU A 178 -8.70 1.51 -34.19
C LEU A 178 -9.13 2.74 -33.41
N ILE A 179 -8.38 3.04 -32.35
CA ILE A 179 -8.45 4.30 -31.63
C ILE A 179 -7.15 5.05 -31.89
N LEU A 180 -7.26 6.32 -32.27
CA LEU A 180 -6.14 7.14 -32.68
C LEU A 180 -6.03 8.35 -31.77
N TYR A 181 -4.79 8.73 -31.45
CA TYR A 181 -4.46 9.89 -30.65
C TYR A 181 -3.31 10.64 -31.33
N GLU A 182 -3.28 11.96 -31.14
CA GLU A 182 -2.04 12.70 -31.33
C GLU A 182 -1.29 12.75 -30.02
N GLU A 183 -0.03 12.31 -30.04
CA GLU A 183 0.85 12.50 -28.90
C GLU A 183 1.38 13.93 -28.98
N VAL A 184 0.71 14.86 -28.29
CA VAL A 184 1.09 16.25 -28.45
C VAL A 184 2.40 16.52 -27.72
N LYS A 185 2.44 16.17 -26.44
CA LYS A 185 3.59 16.44 -25.58
C LYS A 185 3.45 15.54 -24.36
N PRO A 186 4.50 15.42 -23.55
CA PRO A 186 4.37 14.62 -22.32
C PRO A 186 3.18 15.07 -21.49
N ASN A 187 2.36 14.10 -21.09
CA ASN A 187 1.15 14.30 -20.31
C ASN A 187 0.03 14.93 -21.13
N LEU A 188 0.10 14.89 -22.46
CA LEU A 188 -1.02 15.32 -23.30
C LEU A 188 -1.13 14.41 -24.53
N THR A 189 -2.17 13.60 -24.53
CA THR A 189 -2.46 12.63 -25.60
C THR A 189 -3.92 12.84 -26.00
N GLU A 190 -4.14 13.46 -27.14
CA GLU A 190 -5.48 13.94 -27.52
C GLU A 190 -6.11 12.99 -28.54
N ARG A 191 -7.27 12.44 -28.20
CA ARG A 191 -7.92 11.47 -29.07
C ARG A 191 -8.45 12.15 -30.33
N ILE A 192 -8.22 11.51 -31.48
CA ILE A 192 -8.72 12.00 -32.76
C ILE A 192 -10.11 11.43 -32.96
N GLN A 193 -11.12 12.30 -32.92
CA GLN A 193 -12.50 11.87 -32.77
C GLN A 193 -13.22 11.64 -34.09
N ASP A 194 -12.71 12.18 -35.21
CA ASP A 194 -13.39 12.08 -36.49
C ASP A 194 -12.37 11.66 -37.55
N TYR A 195 -12.50 10.44 -38.05
CA TYR A 195 -11.60 9.92 -39.07
C TYR A 195 -12.00 10.33 -40.47
N ASP A 196 -13.17 10.95 -40.65
CA ASP A 196 -13.67 11.34 -41.97
C ASP A 196 -13.37 12.79 -42.29
N VAL A 197 -12.29 13.34 -41.75
CA VAL A 197 -11.87 14.69 -42.07
C VAL A 197 -10.39 14.65 -42.45
N SER A 198 -9.94 15.71 -43.11
CA SER A 198 -8.57 15.76 -43.57
C SER A 198 -7.60 15.88 -42.40
N LEU A 199 -6.33 15.59 -42.67
CA LEU A 199 -5.31 15.63 -41.63
C LEU A 199 -5.14 17.02 -41.05
N ASP A 200 -5.27 18.06 -41.86
CA ASP A 200 -5.10 19.43 -41.34
C ASP A 200 -6.23 19.81 -40.40
N LYS A 201 -7.42 19.24 -40.59
CA LYS A 201 -8.51 19.50 -39.67
C LYS A 201 -8.45 18.60 -38.45
N ALA A 202 -8.01 17.35 -38.61
CA ALA A 202 -8.02 16.40 -37.51
C ALA A 202 -6.93 16.65 -36.48
N LEU A 203 -5.78 17.17 -36.90
CA LEU A 203 -4.64 17.32 -36.01
C LEU A 203 -4.50 18.74 -35.49
N ASP A 204 -4.10 18.87 -34.24
CA ASP A 204 -3.77 20.16 -33.65
C ASP A 204 -2.46 20.66 -34.25
N GLU A 205 -2.55 21.73 -35.05
CA GLU A 205 -1.37 22.42 -35.58
C GLU A 205 -0.50 21.48 -36.40
N LEU A 206 -1.09 20.94 -37.47
CA LEU A 206 -0.43 19.93 -38.30
C LEU A 206 0.96 20.39 -38.74
N MET A 207 1.96 19.62 -38.34
CA MET A 207 3.35 19.87 -38.68
C MET A 207 4.04 18.57 -39.04
N ASP A 208 5.12 18.68 -39.82
CA ASP A 208 6.04 17.56 -39.97
C ASP A 208 6.57 17.15 -38.59
N GLY A 209 6.77 15.84 -38.41
CA GLY A 209 7.21 15.33 -37.14
C GLY A 209 6.13 15.11 -36.11
N ASP A 210 4.86 15.37 -36.45
CA ASP A 210 3.77 15.05 -35.54
C ASP A 210 3.66 13.54 -35.37
N ILE A 211 2.99 13.12 -34.29
CA ILE A 211 2.97 11.72 -33.88
C ILE A 211 1.54 11.28 -33.66
N ILE A 212 1.12 10.23 -34.37
CA ILE A 212 -0.14 9.55 -34.11
C ILE A 212 0.17 8.23 -33.41
N VAL A 213 -0.44 8.04 -32.26
CA VAL A 213 -0.42 6.77 -31.53
C VAL A 213 -1.75 6.08 -31.76
N PHE A 214 -1.71 4.82 -32.16
CA PHE A 214 -2.93 4.09 -32.46
C PHE A 214 -2.94 2.76 -31.72
N GLN A 215 -4.15 2.26 -31.48
CA GLN A 215 -4.32 0.98 -30.81
C GLN A 215 -5.60 0.33 -31.29
N LYS A 216 -5.72 -0.97 -30.99
CA LYS A 216 -6.95 -1.69 -31.31
C LYS A 216 -8.09 -1.19 -30.44
N ASP A 217 -9.30 -1.17 -31.00
CA ASP A 217 -10.51 -0.97 -30.21
C ASP A 217 -11.00 -2.35 -29.82
N ASP A 218 -10.66 -2.79 -28.61
CA ASP A 218 -10.88 -4.16 -28.20
C ASP A 218 -11.39 -4.20 -26.77
N PRO A 219 -12.39 -5.03 -26.47
CA PRO A 219 -12.86 -5.13 -25.07
C PRO A 219 -11.77 -5.56 -24.11
N GLU A 220 -10.87 -6.44 -24.55
CA GLU A 220 -9.80 -6.93 -23.67
C GLU A 220 -8.86 -5.82 -23.26
N ASN A 221 -8.88 -4.68 -23.96
CA ASN A 221 -8.14 -3.51 -23.51
C ASN A 221 -8.46 -3.19 -22.06
N ASP A 222 -9.72 -3.34 -21.67
CA ASP A 222 -10.11 -2.99 -20.31
C ASP A 222 -9.56 -3.94 -19.26
N ASN A 223 -8.95 -5.05 -19.67
CA ASN A 223 -8.32 -5.95 -18.71
C ASN A 223 -6.93 -5.48 -18.29
N SER A 224 -6.36 -4.51 -19.00
CA SER A 224 -5.03 -4.02 -18.66
C SER A 224 -5.13 -2.90 -17.63
N GLU A 225 -4.05 -2.72 -16.87
CA GLU A 225 -3.97 -1.60 -15.94
C GLU A 225 -3.95 -0.27 -16.66
N LEU A 226 -3.62 -0.25 -17.95
CA LEU A 226 -3.55 0.98 -18.74
C LEU A 226 -4.20 0.72 -20.10
N PRO A 227 -5.52 0.87 -20.18
CA PRO A 227 -6.24 0.46 -21.40
C PRO A 227 -5.99 1.34 -22.61
N THR A 228 -5.70 2.63 -22.43
CA THR A 228 -5.52 3.54 -23.56
C THR A 228 -4.12 4.12 -23.57
N ALA A 229 -3.67 4.53 -24.77
CA ALA A 229 -2.39 5.21 -24.89
C ALA A 229 -2.38 6.48 -24.05
N LYS A 230 -3.53 7.14 -23.92
CA LYS A 230 -3.65 8.32 -23.08
C LYS A 230 -3.28 7.99 -21.63
N GLU A 231 -3.90 6.94 -21.08
CA GLU A 231 -3.58 6.52 -19.72
C GLU A 231 -2.13 6.09 -19.59
N TYR A 232 -1.59 5.44 -20.63
CA TYR A 232 -0.20 5.01 -20.59
C TYR A 232 0.73 6.21 -20.47
N PHE A 233 0.50 7.25 -21.27
CA PHE A 233 1.38 8.41 -21.23
C PHE A 233 1.20 9.20 -19.94
N ARG A 234 -0.02 9.27 -19.40
CA ARG A 234 -0.20 9.89 -18.09
C ARG A 234 0.62 9.16 -17.03
N ASP A 235 0.49 7.82 -17.00
CA ASP A 235 1.25 7.01 -16.06
C ASP A 235 2.75 7.22 -16.23
N LEU A 236 3.23 7.21 -17.48
CA LEU A 236 4.66 7.39 -17.72
C LEU A 236 5.13 8.74 -17.24
N TYR A 237 4.35 9.80 -17.50
CA TYR A 237 4.72 11.12 -17.03
C TYR A 237 4.81 11.19 -15.51
N HIS A 238 3.97 10.43 -14.80
CA HIS A 238 3.98 10.49 -13.34
C HIS A 238 4.79 9.37 -12.70
N ARG A 239 5.71 8.75 -13.44
CA ARG A 239 6.45 7.62 -12.92
C ARG A 239 7.46 8.04 -11.84
N VAL A 240 7.74 7.11 -10.93
CA VAL A 240 8.74 7.29 -9.88
C VAL A 240 9.14 5.93 -9.32
N ASP A 241 10.45 5.71 -9.17
CA ASP A 241 10.94 4.50 -8.55
C ASP A 241 10.98 4.66 -7.04
N VAL A 242 10.54 3.64 -6.31
CA VAL A 242 10.49 3.68 -4.87
C VAL A 242 11.06 2.37 -4.32
N ILE A 243 12.02 2.47 -3.41
CA ILE A 243 12.51 1.30 -2.69
C ILE A 243 11.49 0.94 -1.63
N PHE A 244 11.19 -0.35 -1.51
CA PHE A 244 10.32 -0.85 -0.46
C PHE A 244 11.12 -1.77 0.46
N CYS A 245 10.91 -1.60 1.77
CA CYS A 245 11.69 -2.29 2.78
C CYS A 245 10.78 -2.88 3.84
N ASP A 246 11.01 -4.14 4.19
CA ASP A 246 10.30 -4.78 5.29
C ASP A 246 10.92 -4.34 6.61
N LYS A 247 10.12 -3.69 7.46
CA LYS A 247 10.64 -3.20 8.74
C LYS A 247 10.97 -4.34 9.68
N THR A 248 10.26 -5.46 9.59
CA THR A 248 10.50 -6.57 10.51
C THR A 248 11.81 -7.30 10.22
N ILE A 249 12.34 -7.17 9.02
CA ILE A 249 13.62 -7.77 8.65
C ILE A 249 14.70 -6.71 8.82
N PRO A 250 15.56 -6.80 9.83
CA PRO A 250 16.55 -5.74 10.05
C PRO A 250 17.53 -5.63 8.91
N ASN A 251 18.00 -4.40 8.68
CA ASN A 251 19.04 -4.03 7.72
C ASN A 251 18.67 -4.35 6.27
N ASP A 252 17.41 -4.64 5.98
CA ASP A 252 16.98 -4.97 4.64
C ASP A 252 17.37 -3.86 3.65
N PRO A 253 17.97 -4.20 2.51
CA PRO A 253 18.16 -3.20 1.45
C PRO A 253 16.91 -2.94 0.64
N GLY A 254 16.04 -3.95 0.52
CA GLY A 254 14.73 -3.75 -0.09
C GLY A 254 14.77 -3.70 -1.61
N PHE A 255 13.59 -3.76 -2.21
CA PHE A 255 13.47 -3.90 -3.66
C PHE A 255 12.84 -2.67 -4.29
N VAL A 256 13.35 -2.30 -5.47
CA VAL A 256 12.86 -1.14 -6.19
C VAL A 256 11.61 -1.52 -6.97
N VAL A 257 10.55 -0.72 -6.81
CA VAL A 257 9.31 -0.88 -7.56
C VAL A 257 9.04 0.42 -8.29
N THR A 258 8.71 0.32 -9.58
CA THR A 258 8.32 1.47 -10.36
C THR A 258 6.82 1.71 -10.18
N LEU A 259 6.45 2.88 -9.65
CA LEU A 259 5.05 3.23 -9.48
C LEU A 259 4.80 4.58 -10.14
N SER A 260 3.62 5.17 -9.90
CA SER A 260 3.29 6.47 -10.45
C SER A 260 2.76 7.37 -9.35
N ASN A 261 3.10 8.66 -9.43
CA ASN A 261 2.75 9.61 -8.37
C ASN A 261 1.26 9.70 -8.12
N ARG A 262 0.43 9.35 -9.10
CA ARG A 262 -1.02 9.49 -8.99
C ARG A 262 -1.70 8.29 -8.33
N MET A 263 -0.94 7.27 -7.92
CA MET A 263 -1.56 6.05 -7.41
C MET A 263 -2.14 6.28 -6.02
N ASN A 264 -3.26 5.61 -5.76
CA ASN A 264 -3.87 5.60 -4.44
C ASN A 264 -3.35 4.41 -3.64
N TYR A 265 -3.91 4.21 -2.44
CA TYR A 265 -3.43 3.15 -1.57
C TYR A 265 -3.57 1.78 -2.22
N PHE A 266 -4.75 1.49 -2.78
CA PHE A 266 -5.04 0.16 -3.31
C PHE A 266 -4.08 -0.20 -4.45
N GLN A 267 -3.77 0.77 -5.31
CA GLN A 267 -2.95 0.48 -6.48
C GLN A 267 -1.49 0.18 -6.11
N VAL A 268 -0.90 1.00 -5.24
CA VAL A 268 0.47 0.72 -4.78
C VAL A 268 0.49 -0.58 -3.98
N ALA A 269 -0.52 -0.79 -3.15
CA ALA A 269 -0.59 -2.02 -2.36
C ALA A 269 -0.61 -3.24 -3.25
N LYS A 270 -1.32 -3.18 -4.38
CA LYS A 270 -1.41 -4.35 -5.26
C LYS A 270 -0.13 -4.54 -6.08
N THR A 271 0.48 -3.44 -6.54
CA THR A 271 1.78 -3.58 -7.20
C THR A 271 2.79 -4.26 -6.29
N VAL A 272 2.91 -3.77 -5.04
CA VAL A 272 3.86 -4.36 -4.10
C VAL A 272 3.45 -5.78 -3.74
N ALA A 273 2.15 -6.04 -3.64
CA ALA A 273 1.69 -7.38 -3.25
C ALA A 273 2.03 -8.41 -4.31
N GLN A 274 1.84 -8.06 -5.59
CA GLN A 274 2.21 -8.97 -6.66
C GLN A 274 3.73 -9.12 -6.75
N ARG A 275 4.46 -8.05 -6.44
CA ARG A 275 5.91 -8.19 -6.34
C ARG A 275 6.31 -9.13 -5.22
N LEU A 276 5.49 -9.23 -4.16
CA LEU A 276 5.74 -10.16 -3.07
C LEU A 276 4.90 -11.43 -3.15
N ASN A 277 3.91 -11.47 -4.05
CA ASN A 277 3.02 -12.62 -4.21
C ASN A 277 2.24 -12.89 -2.91
N THR A 278 1.38 -11.93 -2.58
CA THR A 278 0.49 -12.04 -1.44
C THR A 278 -0.78 -11.26 -1.73
N ASP A 279 -1.74 -11.39 -0.83
CA ASP A 279 -2.90 -10.53 -0.84
C ASP A 279 -2.47 -9.10 -0.53
N PRO A 280 -2.92 -8.11 -1.31
CA PRO A 280 -2.67 -6.71 -0.90
C PRO A 280 -3.22 -6.40 0.48
N MET A 281 -4.21 -7.15 0.94
CA MET A 281 -4.83 -6.92 2.24
C MET A 281 -4.00 -7.46 3.40
N LEU A 282 -3.01 -8.32 3.14
CA LEU A 282 -2.12 -8.83 4.18
C LEU A 282 -0.81 -8.07 4.25
N LEU A 283 -0.83 -6.77 3.99
CA LEU A 283 0.32 -5.91 4.14
C LEU A 283 -0.08 -4.65 4.90
N GLN A 284 0.86 -4.11 5.68
CA GLN A 284 0.69 -2.80 6.29
C GLN A 284 1.84 -1.91 5.87
N PHE A 285 1.53 -0.67 5.54
CA PHE A 285 2.54 0.28 5.07
C PHE A 285 2.73 1.39 6.10
N PHE A 286 3.82 2.13 5.94
CA PHE A 286 4.18 3.17 6.89
C PHE A 286 4.55 4.44 6.16
N LYS A 287 3.96 5.56 6.58
CA LYS A 287 4.43 6.86 6.13
C LYS A 287 5.91 7.02 6.48
N SER A 288 6.56 7.96 5.79
CA SER A 288 7.95 8.24 6.08
C SER A 288 8.06 9.08 7.34
N GLN A 289 9.16 8.88 8.07
CA GLN A 289 9.46 9.72 9.22
C GLN A 289 9.83 11.13 8.78
N GLY A 290 10.22 11.28 7.51
CA GLY A 290 10.42 12.58 6.90
C GLY A 290 11.69 13.30 7.27
N TYR A 291 12.56 12.71 8.08
CA TYR A 291 13.77 13.39 8.50
C TYR A 291 15.00 12.54 8.25
N ARG A 292 15.04 11.34 8.84
CA ARG A 292 16.10 10.37 8.57
C ARG A 292 15.48 9.01 8.29
N ASP A 293 16.18 8.23 7.46
CA ASP A 293 15.66 6.95 6.97
C ASP A 293 15.19 6.07 8.11
N GLY A 294 13.94 5.64 8.00
CA GLY A 294 13.32 4.81 9.02
C GLY A 294 11.81 4.89 8.94
N PRO A 295 11.14 3.81 9.33
CA PRO A 295 9.67 3.79 9.21
C PRO A 295 9.00 4.79 10.15
N GLY A 296 7.97 5.44 9.63
CA GLY A 296 7.14 6.36 10.38
C GLY A 296 5.82 5.75 10.77
N ASN A 297 4.79 6.59 10.82
CA ASN A 297 3.51 6.18 11.38
C ASN A 297 2.78 5.20 10.45
N PRO A 298 1.99 4.29 11.00
CA PRO A 298 1.25 3.33 10.16
C PRO A 298 0.28 4.04 9.23
N LEU A 299 0.16 3.52 8.02
CA LEU A 299 -0.70 4.09 6.99
C LEU A 299 -2.03 3.33 7.01
N ARG A 300 -3.08 4.00 7.48
CA ARG A 300 -4.39 3.39 7.53
C ARG A 300 -4.81 2.89 6.15
N HIS A 301 -5.48 1.74 6.12
CA HIS A 301 -5.80 1.09 4.86
C HIS A 301 -6.73 1.94 3.99
N ASN A 302 -7.54 2.79 4.61
CA ASN A 302 -8.47 3.65 3.89
C ASN A 302 -7.89 5.03 3.61
N TYR A 303 -6.56 5.13 3.48
CA TYR A 303 -5.90 6.37 3.13
C TYR A 303 -6.48 6.94 1.84
N GLU A 304 -6.77 8.25 1.86
CA GLU A 304 -7.40 8.92 0.73
C GLU A 304 -6.41 9.63 -0.18
N GLY A 305 -5.17 9.82 0.25
CA GLY A 305 -4.20 10.54 -0.53
C GLY A 305 -3.62 9.72 -1.67
N THR A 306 -2.56 10.27 -2.25
CA THR A 306 -1.84 9.64 -3.36
C THR A 306 -0.42 9.29 -2.93
N LEU A 307 0.28 8.56 -3.80
CA LEU A 307 1.68 8.25 -3.57
C LEU A 307 2.52 9.50 -3.50
N ARG A 308 2.12 10.56 -4.22
CA ARG A 308 2.87 11.80 -4.18
C ARG A 308 2.85 12.44 -2.80
N ASP A 309 1.70 12.35 -2.11
CA ASP A 309 1.64 12.86 -0.74
C ASP A 309 2.60 12.10 0.18
N LEU A 310 2.72 10.79 -0.03
CA LEU A 310 3.59 9.97 0.81
C LEU A 310 5.06 10.28 0.61
N LEU A 311 5.44 10.84 -0.55
CA LEU A 311 6.84 11.07 -0.89
C LEU A 311 7.25 12.53 -0.86
N GLN A 312 6.36 13.43 -0.44
CA GLN A 312 6.63 14.87 -0.53
C GLN A 312 7.79 15.33 0.33
N PHE A 313 8.26 14.51 1.28
CA PHE A 313 9.30 14.91 2.20
C PHE A 313 10.70 14.47 1.78
N PHE A 314 10.81 13.65 0.74
CA PHE A 314 12.11 13.25 0.23
C PHE A 314 12.73 14.40 -0.57
N LYS A 315 13.95 14.77 -0.21
CA LYS A 315 14.60 15.90 -0.86
C LYS A 315 14.99 15.51 -2.29
N PRO A 316 15.04 16.51 -3.23
CA PRO A 316 15.06 16.20 -4.68
C PRO A 316 15.97 15.07 -5.16
N ARG A 317 17.07 14.80 -4.45
CA ARG A 317 17.76 13.51 -4.64
C ARG A 317 18.13 12.92 -3.29
N GLN A 318 17.10 12.40 -2.63
CA GLN A 318 17.19 11.43 -1.56
C GLN A 318 16.57 10.17 -2.12
N PRO A 319 17.01 8.97 -1.73
CA PRO A 319 16.36 7.76 -2.28
C PRO A 319 14.96 7.63 -1.72
N LYS A 320 13.98 7.66 -2.62
CA LYS A 320 12.59 7.41 -2.22
C LYS A 320 12.45 5.99 -1.69
N LYS A 321 11.97 5.86 -0.46
CA LYS A 321 11.86 4.57 0.19
C LYS A 321 10.68 4.57 1.14
N LEU A 322 9.93 3.48 1.14
CA LEU A 322 8.80 3.27 2.03
C LEU A 322 8.93 1.92 2.72
N TYR A 323 8.46 1.88 3.96
CA TYR A 323 8.53 0.68 4.77
C TYR A 323 7.16 0.02 4.87
N TYR A 324 7.18 -1.30 4.93
CA TYR A 324 5.99 -2.11 5.06
C TYR A 324 6.29 -3.28 5.99
N GLN A 325 5.26 -4.06 6.27
CA GLN A 325 5.42 -5.34 6.92
C GLN A 325 4.30 -6.26 6.47
N GLN A 326 4.57 -7.56 6.52
CA GLN A 326 3.60 -8.57 6.15
C GLN A 326 2.80 -9.00 7.38
N LEU A 327 1.52 -9.26 7.17
CA LEU A 327 0.58 -9.51 8.25
C LEU A 327 0.05 -10.94 8.19
N LYS A 328 -0.40 -11.42 9.34
CA LYS A 328 -1.04 -12.73 9.42
C LYS A 328 -2.55 -12.67 9.25
N MET A 329 -3.15 -11.48 9.33
CA MET A 329 -4.56 -11.28 9.09
C MET A 329 -4.74 -10.07 8.17
N LYS A 330 -5.96 -9.91 7.66
CA LYS A 330 -6.26 -8.78 6.80
C LYS A 330 -6.03 -7.47 7.55
N ILE A 331 -5.58 -6.45 6.81
CA ILE A 331 -5.17 -5.20 7.45
C ILE A 331 -6.35 -4.54 8.15
N THR A 332 -7.57 -4.78 7.68
CA THR A 332 -8.74 -4.26 8.39
C THR A 332 -8.84 -4.87 9.79
N ASP A 333 -8.87 -6.20 9.85
CA ASP A 333 -8.91 -6.88 11.16
C ASP A 333 -7.71 -6.51 12.00
N PHE A 334 -6.54 -6.36 11.38
CA PHE A 334 -5.35 -5.91 12.10
C PHE A 334 -5.58 -4.54 12.74
N GLU A 335 -6.20 -3.63 12.01
CA GLU A 335 -6.42 -2.28 12.52
C GLU A 335 -7.48 -2.25 13.61
N ASN A 336 -8.48 -3.13 13.53
CA ASN A 336 -9.57 -3.10 14.50
C ASN A 336 -9.38 -4.04 15.68
N ARG A 337 -8.37 -4.90 15.67
CA ARG A 337 -8.14 -5.76 16.83
C ARG A 337 -7.69 -4.91 18.02
N ARG A 338 -8.11 -5.30 19.22
CA ARG A 338 -7.70 -4.63 20.44
C ARG A 338 -7.34 -5.66 21.49
N SER A 339 -6.16 -5.48 22.09
CA SER A 339 -5.65 -6.41 23.08
C SER A 339 -6.40 -6.28 24.40
N PHE A 340 -6.85 -7.41 24.93
CA PHE A 340 -7.43 -7.50 26.26
C PHE A 340 -6.56 -8.46 27.05
N LYS A 341 -5.78 -7.92 27.97
CA LYS A 341 -4.91 -8.69 28.83
C LYS A 341 -5.56 -8.92 30.16
N CYS A 342 -5.57 -10.17 30.60
CA CYS A 342 -6.23 -10.52 31.84
C CYS A 342 -5.57 -11.77 32.41
N ILE A 343 -6.14 -12.26 33.50
CA ILE A 343 -5.64 -13.42 34.24
C ILE A 343 -6.57 -14.58 34.00
N TRP A 344 -6.04 -15.68 33.49
CA TRP A 344 -6.75 -16.94 33.44
C TRP A 344 -6.47 -17.72 34.72
N LEU A 345 -7.52 -18.07 35.45
CA LEU A 345 -7.40 -18.87 36.66
C LEU A 345 -7.79 -20.31 36.32
N ASN A 346 -6.82 -21.21 36.37
CA ASN A 346 -7.02 -22.57 35.88
C ASN A 346 -7.66 -23.45 36.96
N SER A 347 -7.91 -24.70 36.59
CA SER A 347 -8.57 -25.63 37.50
C SER A 347 -7.70 -26.02 38.68
N GLN A 348 -6.42 -25.67 38.63
CA GLN A 348 -5.48 -25.96 39.75
C GLN A 348 -5.47 -24.77 40.71
N PHE A 349 -6.29 -23.75 40.43
CA PHE A 349 -6.32 -22.52 41.23
C PHE A 349 -5.04 -21.71 41.08
N ARG A 350 -4.42 -21.78 39.90
CA ARG A 350 -3.20 -21.03 39.63
C ARG A 350 -3.44 -20.02 38.52
N GLU A 351 -2.74 -18.89 38.62
CA GLU A 351 -2.96 -17.75 37.74
C GLU A 351 -1.95 -17.73 36.60
N GLU A 352 -2.43 -17.41 35.39
CA GLU A 352 -1.57 -17.14 34.25
C GLU A 352 -2.02 -15.86 33.55
N GLU A 353 -1.07 -15.18 32.92
CA GLU A 353 -1.38 -13.97 32.16
C GLU A 353 -1.68 -14.36 30.72
N ILE A 354 -2.78 -13.84 30.18
CA ILE A 354 -3.21 -14.19 28.83
C ILE A 354 -3.74 -12.94 28.14
N THR A 355 -3.39 -12.79 26.86
CA THR A 355 -3.86 -11.69 26.03
C THR A 355 -4.76 -12.26 24.95
N LEU A 356 -6.03 -11.85 24.95
CA LEU A 356 -6.97 -12.22 23.92
C LEU A 356 -7.29 -11.00 23.07
N TYR A 357 -7.68 -11.24 21.82
CA TYR A 357 -7.96 -10.16 20.87
C TYR A 357 -9.36 -10.33 20.31
N PRO A 358 -10.39 -10.01 21.09
CA PRO A 358 -11.77 -10.11 20.61
C PRO A 358 -12.13 -8.88 19.78
N ASP A 359 -13.38 -8.85 19.32
CA ASP A 359 -13.86 -7.68 18.60
C ASP A 359 -14.01 -6.50 19.55
N LYS A 360 -13.48 -5.34 19.16
CA LYS A 360 -13.52 -4.17 20.01
C LYS A 360 -14.93 -3.75 20.39
N HIS A 361 -15.94 -4.19 19.63
CA HIS A 361 -17.34 -3.92 19.93
C HIS A 361 -18.05 -5.15 20.48
N GLY A 362 -17.30 -6.19 20.85
CA GLY A 362 -17.92 -7.41 21.31
C GLY A 362 -18.48 -7.30 22.72
N CYS A 363 -19.22 -8.34 23.11
CA CYS A 363 -19.69 -8.43 24.47
C CYS A 363 -18.71 -9.25 25.30
N VAL A 364 -18.99 -9.34 26.61
CA VAL A 364 -18.16 -10.14 27.51
C VAL A 364 -18.12 -11.59 27.04
N ARG A 365 -19.22 -12.07 26.46
CA ARG A 365 -19.27 -13.44 25.96
C ARG A 365 -18.24 -13.68 24.86
N ASP A 366 -18.01 -12.67 23.99
CA ASP A 366 -16.98 -12.81 22.97
C ASP A 366 -15.62 -13.07 23.60
N LEU A 367 -15.29 -12.32 24.66
CA LEU A 367 -14.01 -12.51 25.35
C LEU A 367 -13.95 -13.88 26.03
N LEU A 368 -15.05 -14.28 26.68
CA LEU A 368 -15.07 -15.57 27.36
C LEU A 368 -14.89 -16.72 26.39
N GLU A 369 -15.51 -16.64 25.21
CA GLU A 369 -15.32 -17.67 24.21
C GLU A 369 -13.94 -17.60 23.57
N GLU A 370 -13.35 -16.40 23.46
CA GLU A 370 -11.99 -16.31 22.95
C GLU A 370 -11.02 -17.02 23.89
N CYS A 371 -11.25 -16.91 25.20
CA CYS A 371 -10.36 -17.55 26.16
C CYS A 371 -10.63 -19.05 26.26
N LYS A 372 -11.91 -19.45 26.19
CA LYS A 372 -12.24 -20.88 26.23
C LYS A 372 -11.54 -21.64 25.11
N LYS A 373 -11.32 -20.99 23.96
CA LYS A 373 -10.59 -21.62 22.87
C LYS A 373 -9.12 -21.78 23.17
N ALA A 374 -8.59 -21.08 24.18
CA ALA A 374 -7.16 -21.06 24.44
C ALA A 374 -6.72 -22.01 25.54
N VAL A 375 -7.63 -22.41 26.43
CA VAL A 375 -7.23 -23.05 27.68
C VAL A 375 -7.74 -24.48 27.71
N GLU A 376 -7.14 -25.26 28.61
CA GLU A 376 -7.64 -26.58 28.98
C GLU A 376 -8.51 -26.41 30.22
N LEU A 377 -9.79 -26.75 30.10
CA LEU A 377 -10.73 -26.58 31.20
C LEU A 377 -10.59 -27.73 32.20
N GLY A 378 -11.35 -27.64 33.29
CA GLY A 378 -11.28 -28.66 34.32
C GLY A 378 -11.83 -30.00 33.86
N GLU A 379 -11.44 -31.05 34.60
CA GLU A 379 -11.89 -32.39 34.31
C GLU A 379 -13.24 -32.63 34.96
N LYS A 380 -14.25 -32.91 34.13
CA LYS A 380 -15.63 -33.03 34.59
C LYS A 380 -16.06 -31.79 35.37
N ALA A 381 -15.85 -30.63 34.76
CA ALA A 381 -16.23 -29.36 35.32
C ALA A 381 -17.39 -28.77 34.53
N SER A 382 -17.79 -27.55 34.88
CA SER A 382 -18.99 -26.96 34.29
C SER A 382 -18.83 -26.68 32.80
N GLY A 383 -17.63 -26.31 32.37
CA GLY A 383 -17.44 -25.92 30.99
C GLY A 383 -18.01 -24.56 30.62
N LYS A 384 -18.40 -23.76 31.61
CA LYS A 384 -18.84 -22.40 31.39
C LYS A 384 -17.93 -21.45 32.15
N LEU A 385 -17.60 -20.31 31.53
CA LEU A 385 -16.65 -19.37 32.07
C LEU A 385 -17.36 -18.11 32.59
N ARG A 386 -16.65 -17.37 33.43
CA ARG A 386 -17.13 -16.11 33.95
C ARG A 386 -15.96 -15.13 34.10
N LEU A 387 -16.30 -13.85 34.04
CA LEU A 387 -15.34 -12.76 34.11
C LEU A 387 -15.56 -11.99 35.42
N LEU A 388 -14.49 -11.85 36.19
CA LEU A 388 -14.49 -11.12 37.45
C LEU A 388 -13.62 -9.89 37.32
N GLU A 389 -13.93 -8.87 38.10
CA GLU A 389 -13.13 -7.65 38.18
C GLU A 389 -12.54 -7.57 39.57
N ILE A 390 -11.20 -7.49 39.65
CA ILE A 390 -10.48 -7.51 40.91
C ILE A 390 -9.71 -6.21 41.07
N VAL A 391 -9.84 -5.60 42.25
CA VAL A 391 -9.10 -4.41 42.65
C VAL A 391 -8.60 -4.64 44.07
N SER A 392 -7.29 -4.47 44.28
CA SER A 392 -6.68 -4.63 45.60
C SER A 392 -7.02 -5.99 46.22
N TYR A 393 -6.94 -7.04 45.40
CA TYR A 393 -7.09 -8.44 45.82
C TYR A 393 -8.50 -8.77 46.30
N LYS A 394 -9.50 -8.01 45.87
CA LYS A 394 -10.89 -8.27 46.20
C LYS A 394 -11.70 -8.35 44.92
N ILE A 395 -12.64 -9.30 44.86
CA ILE A 395 -13.60 -9.32 43.77
C ILE A 395 -14.62 -8.23 44.03
N ILE A 396 -14.75 -7.32 43.06
CA ILE A 396 -15.71 -6.23 43.18
C ILE A 396 -16.90 -6.39 42.23
N GLY A 397 -16.81 -7.28 41.25
CA GLY A 397 -17.90 -7.45 40.31
C GLY A 397 -17.75 -8.73 39.52
N VAL A 398 -18.88 -9.38 39.28
CA VAL A 398 -19.01 -10.42 38.26
C VAL A 398 -19.71 -9.78 37.07
N HIS A 399 -19.09 -9.88 35.89
CA HIS A 399 -19.59 -9.21 34.71
C HIS A 399 -20.44 -10.17 33.88
N GLN A 400 -21.61 -9.72 33.48
CA GLN A 400 -22.52 -10.57 32.72
C GLN A 400 -22.21 -10.51 31.23
N GLU A 401 -22.48 -11.62 30.55
CA GLU A 401 -22.03 -11.86 29.19
C GLU A 401 -22.64 -10.90 28.16
N ASP A 402 -23.67 -10.14 28.52
CA ASP A 402 -24.27 -9.20 27.60
C ASP A 402 -23.64 -7.81 27.65
N GLU A 403 -22.83 -7.53 28.67
CA GLU A 403 -22.17 -6.23 28.77
C GLU A 403 -21.22 -6.02 27.58
N LEU A 404 -21.15 -4.77 27.12
CA LEU A 404 -20.25 -4.43 26.02
C LEU A 404 -18.81 -4.30 26.53
N LEU A 405 -17.86 -4.77 25.71
CA LEU A 405 -16.46 -4.77 26.12
C LEU A 405 -15.93 -3.36 26.29
N GLU A 406 -16.19 -2.48 25.31
CA GLU A 406 -15.70 -1.10 25.39
C GLU A 406 -16.31 -0.34 26.56
N CYS A 407 -17.35 -0.87 27.20
CA CYS A 407 -17.92 -0.27 28.39
C CYS A 407 -17.20 -0.70 29.66
N LEU A 408 -16.15 -1.49 29.55
CA LEU A 408 -15.39 -1.97 30.69
C LEU A 408 -14.18 -1.07 30.93
N SER A 409 -13.82 -0.93 32.21
CA SER A 409 -12.64 -0.11 32.59
C SER A 409 -11.40 -0.76 31.96
N PRO A 410 -10.45 0.02 31.42
CA PRO A 410 -9.26 -0.54 30.78
C PRO A 410 -8.38 -1.22 31.84
N ALA A 411 -7.54 -2.17 31.43
CA ALA A 411 -6.69 -2.89 32.41
C ALA A 411 -5.51 -1.99 32.80
N THR A 412 -5.78 -1.06 33.73
CA THR A 412 -4.82 -0.07 34.27
C THR A 412 -4.92 -0.11 35.79
N SER A 413 -4.37 -1.18 36.39
CA SER A 413 -4.30 -1.55 37.83
C SER A 413 -5.58 -2.26 38.29
N ARG A 414 -6.56 -2.37 37.40
CA ARG A 414 -7.83 -3.11 37.65
C ARG A 414 -7.68 -4.40 36.85
N THR A 415 -7.48 -5.51 37.55
CA THR A 415 -7.25 -6.78 36.87
C THR A 415 -8.56 -7.45 36.56
N PHE A 416 -8.63 -8.08 35.39
CA PHE A 416 -9.78 -8.89 35.00
C PHE A 416 -9.35 -10.35 35.08
N ARG A 417 -10.25 -11.20 35.57
CA ARG A 417 -9.94 -12.60 35.79
C ARG A 417 -11.02 -13.47 35.17
N ILE A 418 -10.62 -14.34 34.25
CA ILE A 418 -11.51 -15.30 33.62
C ILE A 418 -11.31 -16.65 34.31
N GLU A 419 -12.41 -17.27 34.71
CA GLU A 419 -12.33 -18.54 35.42
C GLU A 419 -13.50 -19.43 35.05
N GLU A 420 -13.30 -20.73 35.22
CA GLU A 420 -14.37 -21.71 35.01
C GLU A 420 -15.24 -21.79 36.26
N ILE A 421 -16.54 -21.78 36.07
CA ILE A 421 -17.45 -21.82 37.22
C ILE A 421 -17.43 -23.21 37.84
N PRO A 422 -17.31 -23.34 39.17
CA PRO A 422 -17.41 -24.65 39.79
C PRO A 422 -18.78 -25.27 39.55
N LEU A 423 -18.89 -26.56 39.88
CA LEU A 423 -20.12 -27.29 39.60
C LEU A 423 -21.24 -26.90 40.55
N ASP A 424 -20.93 -26.68 41.82
CA ASP A 424 -21.93 -26.27 42.79
C ASP A 424 -22.41 -24.83 42.60
N GLN A 425 -21.89 -24.11 41.60
CA GLN A 425 -22.20 -22.69 41.42
C GLN A 425 -22.83 -22.38 40.07
N VAL A 426 -23.24 -23.39 39.30
CA VAL A 426 -23.84 -23.14 37.99
C VAL A 426 -25.28 -22.71 38.14
N ASP A 427 -26.00 -23.34 39.08
CA ASP A 427 -27.43 -23.06 39.26
C ASP A 427 -27.73 -23.32 40.74
N ILE A 428 -27.41 -22.32 41.57
CA ILE A 428 -27.59 -22.50 43.01
C ILE A 428 -29.07 -22.40 43.38
N ASP A 429 -29.42 -23.04 44.50
CA ASP A 429 -30.76 -22.94 45.06
C ASP A 429 -31.06 -21.48 45.40
N LYS A 430 -31.87 -20.84 44.56
CA LYS A 430 -32.11 -19.41 44.71
C LYS A 430 -32.95 -19.07 45.94
N GLU A 431 -33.51 -20.07 46.62
CA GLU A 431 -34.29 -19.81 47.83
C GLU A 431 -33.44 -19.89 49.09
N ASN A 432 -32.34 -20.65 49.08
CA ASN A 432 -31.54 -20.88 50.29
C ASN A 432 -30.03 -20.85 50.07
N GLU A 433 -29.54 -20.70 48.85
CA GLU A 433 -28.10 -20.76 48.58
C GLU A 433 -27.64 -19.46 47.95
N MET A 434 -26.42 -19.04 48.30
CA MET A 434 -25.92 -17.73 47.89
C MET A 434 -24.43 -17.78 47.60
N LEU A 435 -24.00 -16.97 46.65
CA LEU A 435 -22.57 -16.73 46.42
C LEU A 435 -22.15 -15.49 47.18
N VAL A 436 -21.01 -15.56 47.86
CA VAL A 436 -20.35 -14.38 48.41
C VAL A 436 -18.90 -14.40 47.99
N THR A 437 -18.35 -13.20 47.82
CA THR A 437 -16.94 -13.03 47.53
C THR A 437 -16.11 -13.24 48.80
N VAL A 438 -14.91 -13.78 48.62
CA VAL A 438 -13.99 -14.07 49.71
C VAL A 438 -12.64 -13.49 49.34
N ALA A 439 -12.00 -12.81 50.30
CA ALA A 439 -10.67 -12.25 50.13
C ALA A 439 -9.86 -12.50 51.39
N HIS A 440 -8.55 -12.63 51.21
CA HIS A 440 -7.63 -12.78 52.34
C HIS A 440 -7.20 -11.40 52.82
N PHE A 441 -7.16 -11.23 54.15
CA PHE A 441 -6.59 -10.03 54.74
C PHE A 441 -5.82 -10.43 55.99
N HIS A 442 -5.02 -9.51 56.50
CA HIS A 442 -4.22 -9.75 57.71
C HIS A 442 -4.54 -8.66 58.72
N LYS A 443 -5.10 -9.07 59.86
CA LYS A 443 -5.42 -8.24 61.02
C LYS A 443 -6.43 -7.14 60.68
N GLU A 444 -6.07 -6.20 59.80
CA GLU A 444 -6.99 -5.13 59.40
C GLU A 444 -7.45 -5.28 57.95
N VAL A 445 -8.70 -4.88 57.69
CA VAL A 445 -9.43 -5.33 56.50
C VAL A 445 -8.87 -4.71 55.23
N PHE A 446 -8.39 -3.46 55.30
CA PHE A 446 -7.85 -2.85 54.10
C PHE A 446 -6.48 -3.40 53.74
N GLY A 447 -5.93 -4.32 54.53
CA GLY A 447 -4.69 -4.97 54.18
C GLY A 447 -4.91 -6.32 53.53
N THR A 448 -5.42 -6.33 52.30
CA THR A 448 -5.78 -7.56 51.61
C THR A 448 -4.63 -8.08 50.77
N PHE A 449 -4.69 -9.36 50.44
CA PHE A 449 -3.66 -10.03 49.66
C PHE A 449 -4.24 -11.34 49.12
N GLY A 450 -3.46 -11.99 48.27
CA GLY A 450 -3.80 -13.33 47.82
C GLY A 450 -4.79 -13.36 46.68
N ILE A 451 -5.40 -14.53 46.52
CA ILE A 451 -6.31 -14.81 45.42
C ILE A 451 -7.73 -14.86 45.97
N PRO A 452 -8.59 -13.89 45.66
CA PRO A 452 -9.98 -13.94 46.10
C PRO A 452 -10.77 -14.92 45.25
N PHE A 453 -11.94 -15.31 45.76
CA PHE A 453 -12.73 -16.31 45.06
C PHE A 453 -14.20 -16.20 45.44
N LEU A 454 -15.05 -16.86 44.65
CA LEU A 454 -16.47 -16.89 44.90
C LEU A 454 -16.83 -18.18 45.63
N LEU A 455 -17.73 -18.08 46.61
CA LEU A 455 -18.00 -19.21 47.49
C LEU A 455 -19.50 -19.34 47.73
N ARG A 456 -20.01 -20.55 47.56
CA ARG A 456 -21.40 -20.86 47.83
C ARG A 456 -21.60 -21.18 49.30
N ILE A 457 -22.66 -20.62 49.89
CA ILE A 457 -23.04 -20.89 51.27
C ILE A 457 -24.54 -21.14 51.33
N HIS A 458 -24.94 -21.96 52.30
CA HIS A 458 -26.29 -22.48 52.41
C HIS A 458 -26.90 -22.11 53.76
N GLN A 459 -28.18 -21.75 53.76
CA GLN A 459 -28.85 -21.34 54.99
C GLN A 459 -29.07 -22.55 55.90
N GLY A 460 -28.89 -22.34 57.21
CA GLY A 460 -28.95 -23.41 58.18
C GLY A 460 -27.66 -24.18 58.34
N GLU A 461 -26.76 -24.08 57.36
CA GLU A 461 -25.48 -24.77 57.42
C GLU A 461 -24.67 -24.30 58.62
N HIS A 462 -23.92 -25.23 59.20
CA HIS A 462 -22.95 -24.87 60.21
C HIS A 462 -21.67 -24.40 59.55
N PHE A 463 -21.03 -23.39 60.15
CA PHE A 463 -19.80 -22.83 59.60
C PHE A 463 -18.72 -23.89 59.36
N ARG A 464 -18.77 -25.02 60.07
CA ARG A 464 -17.79 -26.08 59.85
C ARG A 464 -17.66 -26.40 58.36
N GLU A 465 -18.77 -26.67 57.70
CA GLU A 465 -18.72 -27.17 56.32
C GLU A 465 -18.32 -26.08 55.33
N VAL A 466 -18.67 -24.82 55.61
CA VAL A 466 -18.10 -23.70 54.86
C VAL A 466 -16.58 -23.76 54.93
N MET A 467 -16.05 -23.99 56.13
CA MET A 467 -14.61 -24.11 56.29
C MET A 467 -14.05 -25.30 55.51
N LYS A 468 -14.76 -26.43 55.54
CA LYS A 468 -14.31 -27.63 54.83
C LYS A 468 -14.18 -27.36 53.34
N ARG A 469 -15.21 -26.73 52.74
CA ARG A 469 -15.12 -26.50 51.30
C ARG A 469 -14.12 -25.40 50.96
N ILE A 470 -13.98 -24.39 51.82
CA ILE A 470 -12.93 -23.39 51.65
C ILE A 470 -11.57 -24.07 51.55
N GLN A 471 -11.27 -24.93 52.52
CA GLN A 471 -9.94 -25.56 52.55
C GLN A 471 -9.79 -26.58 51.42
N SER A 472 -10.89 -27.25 51.04
CA SER A 472 -10.82 -28.18 49.92
C SER A 472 -10.40 -27.46 48.64
N LEU A 473 -10.91 -26.25 48.44
CA LEU A 473 -10.48 -25.48 47.27
C LEU A 473 -9.18 -24.71 47.51
N LEU A 474 -8.70 -24.60 48.75
CA LEU A 474 -7.51 -23.78 49.02
C LEU A 474 -6.22 -24.59 49.09
N ASP A 475 -6.26 -25.77 49.70
CA ASP A 475 -5.13 -26.70 49.86
C ASP A 475 -4.01 -26.12 50.72
N ILE A 476 -4.05 -26.37 52.04
CA ILE A 476 -3.00 -25.89 52.91
C ILE A 476 -3.04 -26.75 54.18
N GLN A 477 -1.85 -26.98 54.75
CA GLN A 477 -1.70 -27.71 56.02
C GLN A 477 -2.79 -27.30 57.02
N GLU A 478 -3.27 -28.28 57.80
CA GLU A 478 -4.48 -28.06 58.59
C GLU A 478 -4.19 -27.29 59.88
N LYS A 479 -3.05 -27.57 60.54
CA LYS A 479 -2.64 -26.66 61.60
C LYS A 479 -1.92 -25.44 61.04
N GLU A 480 -1.95 -25.26 59.72
CA GLU A 480 -1.76 -23.98 59.07
C GLU A 480 -3.09 -23.28 58.81
N PHE A 481 -4.12 -24.03 58.40
CA PHE A 481 -5.45 -23.45 58.14
C PHE A 481 -6.17 -23.11 59.43
N GLU A 482 -6.02 -23.95 60.46
CA GLU A 482 -6.65 -23.70 61.74
C GLU A 482 -6.07 -22.48 62.44
N LYS A 483 -4.87 -22.06 62.03
CA LYS A 483 -4.22 -20.91 62.65
C LYS A 483 -4.99 -19.60 62.49
N PHE A 484 -5.97 -19.53 61.58
CA PHE A 484 -6.49 -18.22 61.19
C PHE A 484 -8.00 -18.12 61.35
N LYS A 485 -8.49 -16.89 61.19
CA LYS A 485 -9.83 -16.50 61.61
C LYS A 485 -10.69 -16.12 60.40
N PHE A 486 -11.99 -15.94 60.67
CA PHE A 486 -12.98 -15.65 59.65
C PHE A 486 -13.85 -14.49 60.12
N ALA A 487 -14.18 -13.58 59.19
CA ALA A 487 -14.98 -12.42 59.53
C ALA A 487 -15.95 -12.09 58.41
N ILE A 488 -17.03 -11.40 58.78
CA ILE A 488 -17.94 -10.78 57.81
C ILE A 488 -17.61 -9.29 57.77
N VAL A 489 -17.47 -8.76 56.56
CA VAL A 489 -16.95 -7.41 56.32
C VAL A 489 -17.96 -6.63 55.50
N MET A 490 -18.19 -5.37 55.90
CA MET A 490 -19.04 -4.44 55.17
C MET A 490 -18.46 -3.04 55.33
N MET A 491 -18.06 -2.45 54.19
CA MET A 491 -17.49 -1.09 54.12
C MET A 491 -16.56 -0.79 55.29
N GLY A 492 -15.54 -1.61 55.46
CA GLY A 492 -14.53 -1.36 56.47
C GLY A 492 -14.83 -2.05 57.78
N ARG A 493 -16.10 -1.99 58.20
CA ARG A 493 -16.57 -2.66 59.45
C ARG A 493 -16.50 -4.18 59.27
N HIS A 494 -16.15 -4.91 60.33
CA HIS A 494 -16.04 -6.36 60.26
C HIS A 494 -16.31 -6.91 61.65
N GLN A 495 -16.80 -8.14 61.70
CA GLN A 495 -16.67 -8.87 62.95
C GLN A 495 -16.66 -10.36 62.66
N TYR A 496 -16.08 -11.10 63.58
CA TYR A 496 -15.67 -12.47 63.35
C TYR A 496 -16.81 -13.44 63.61
N ILE A 497 -16.77 -14.54 62.88
CA ILE A 497 -17.71 -15.63 63.11
C ILE A 497 -17.14 -16.56 64.16
N ASN A 498 -17.98 -16.93 65.13
CA ASN A 498 -17.63 -17.97 66.08
C ASN A 498 -17.65 -19.29 65.34
N GLU A 499 -16.47 -19.74 64.88
CA GLU A 499 -16.40 -20.97 64.10
C GLU A 499 -16.74 -22.21 64.91
N ASP A 500 -16.85 -22.10 66.23
CA ASP A 500 -17.17 -23.28 67.03
C ASP A 500 -18.62 -23.69 66.83
N GLU A 501 -19.54 -22.73 66.85
CA GLU A 501 -20.97 -22.98 66.59
C GLU A 501 -21.63 -21.69 66.08
N TYR A 502 -21.60 -21.51 64.76
CA TYR A 502 -22.40 -20.49 64.08
C TYR A 502 -23.14 -21.16 62.93
N GLU A 503 -24.41 -20.80 62.76
CA GLU A 503 -25.23 -21.33 61.69
C GLU A 503 -25.44 -20.25 60.64
N VAL A 504 -25.26 -20.62 59.37
CA VAL A 504 -25.22 -19.64 58.29
C VAL A 504 -26.61 -19.07 58.07
N ASN A 505 -26.80 -17.81 58.48
CA ASN A 505 -27.98 -17.03 58.11
C ASN A 505 -27.59 -16.12 56.96
N LEU A 506 -28.33 -16.21 55.85
CA LEU A 506 -27.91 -15.58 54.60
C LEU A 506 -27.96 -14.06 54.70
N LYS A 507 -28.89 -13.50 55.46
CA LYS A 507 -29.07 -12.06 55.50
C LYS A 507 -28.03 -11.37 56.39
N ASP A 508 -27.15 -12.13 57.04
CA ASP A 508 -25.93 -11.52 57.56
C ASP A 508 -25.01 -11.09 56.42
N PHE A 509 -25.12 -11.76 55.26
CA PHE A 509 -24.32 -11.46 54.08
C PHE A 509 -25.13 -10.69 53.03
N GLU A 510 -26.28 -10.16 53.39
CA GLU A 510 -27.02 -9.60 52.29
C GLU A 510 -27.00 -8.08 52.33
N PRO A 511 -26.87 -7.43 51.18
CA PRO A 511 -26.96 -5.96 51.13
C PRO A 511 -28.34 -5.51 51.57
N GLN A 512 -28.47 -4.20 51.74
CA GLN A 512 -29.79 -3.63 51.97
C GLN A 512 -30.71 -4.02 50.83
N PRO A 513 -31.92 -4.52 51.12
CA PRO A 513 -32.84 -4.92 50.04
C PRO A 513 -33.01 -3.81 49.01
N GLY A 514 -32.92 -4.19 47.74
CA GLY A 514 -33.01 -3.25 46.64
C GLY A 514 -31.71 -2.58 46.27
N ASN A 515 -30.64 -2.82 47.01
CA ASN A 515 -29.37 -2.16 46.79
C ASN A 515 -28.41 -3.16 46.13
N MET A 516 -28.30 -3.08 44.80
CA MET A 516 -27.35 -3.89 44.05
C MET A 516 -26.00 -3.21 43.89
N SER A 517 -25.72 -2.17 44.68
CA SER A 517 -24.48 -1.43 44.61
C SER A 517 -23.26 -2.36 44.72
N HIS A 518 -22.10 -1.80 44.40
CA HIS A 518 -20.85 -2.53 44.41
C HIS A 518 -20.32 -2.85 45.81
N PRO A 519 -20.63 -2.05 46.87
CA PRO A 519 -20.29 -2.50 48.22
C PRO A 519 -21.29 -3.49 48.81
N ARG A 520 -21.01 -4.79 48.64
CA ARG A 520 -21.72 -5.90 49.24
C ARG A 520 -20.91 -6.48 50.41
N PRO A 521 -21.58 -7.04 51.41
CA PRO A 521 -20.82 -7.75 52.47
C PRO A 521 -20.07 -8.93 51.88
N TRP A 522 -18.93 -9.24 52.48
CA TRP A 522 -18.12 -10.34 51.99
C TRP A 522 -17.47 -11.09 53.15
N LEU A 523 -16.93 -12.26 52.84
CA LEU A 523 -16.28 -13.11 53.83
C LEU A 523 -14.77 -12.91 53.74
N GLY A 524 -14.14 -12.61 54.87
CA GLY A 524 -12.71 -12.38 54.93
C GLY A 524 -12.02 -13.46 55.72
N LEU A 525 -10.91 -13.96 55.17
CA LEU A 525 -10.04 -14.91 55.85
C LEU A 525 -8.83 -14.15 56.37
N ASP A 526 -8.58 -14.24 57.68
CA ASP A 526 -7.56 -13.46 58.36
C ASP A 526 -6.45 -14.40 58.81
N HIS A 527 -5.37 -14.47 58.01
CA HIS A 527 -4.12 -15.13 58.42
C HIS A 527 -2.90 -14.27 58.13
N PHE A 528 -1.79 -14.93 57.78
CA PHE A 528 -0.52 -14.28 57.54
C PHE A 528 -0.08 -14.53 56.10
N ASN A 529 0.70 -13.58 55.57
CA ASN A 529 1.06 -13.55 54.16
C ASN A 529 2.40 -14.23 53.88
N LYS A 530 3.15 -13.72 52.91
CA LYS A 530 4.48 -14.19 52.57
C LYS A 530 5.16 -13.20 51.64
CAA EIB B . 14.64 0.27 -42.64
CAB EIB B . 15.18 1.70 -42.52
CAE EIB B . 14.31 0.45 -40.36
CAF EIB B . 13.54 1.79 -40.19
CAG EIB B . 14.04 -0.41 -39.30
CAH EIB B . 14.89 -0.51 -38.20
CAI EIB B . 12.57 1.75 -39.16
CAJ EIB B . 11.27 1.31 -39.41
CAK EIB B . 12.82 -1.08 -39.35
CAL EIB B . 12.25 -1.81 -38.34
CAM EIB B . 11.60 -0.82 -37.37
CAN EIB B . 10.23 -0.32 -37.85
CAO EIB B . 10.30 1.16 -38.26
CAP EIB B . 11.46 -1.68 -36.16
CAQ EIB B . 12.52 -2.57 -36.31
CAT EIB B . 11.69 -0.79 -34.95
CAV EIB B . 10.91 0.93 -40.69
CAX EIB B . 9.00 1.28 -41.86
CAY EIB B . 8.46 0.29 -42.90
CBA EIB B . 8.43 -1.10 -39.02
CBB EIB B . 7.80 -2.45 -39.40
CBD EIB B . 6.29 -2.57 -39.50
CBE EIB B . 8.69 -3.66 -39.68
CBF EIB B . 5.78 -3.95 -39.89
OAC EIB B . 13.92 -0.17 -41.58
OAD EIB B . 14.87 -0.41 -43.64
OAR EIB B . 13.18 -2.49 -37.50
OAS EIB B . 12.80 -3.37 -35.42
OAU EIB B . 9.78 -1.11 -38.97
OAW EIB B . 9.50 0.71 -40.74
OAZ EIB B . 8.98 2.49 -42.07
OBC EIB B . 7.73 -0.12 -38.80
OBG EIB B . 5.53 -3.98 -41.30
#